data_6SCB
#
_entry.id   6SCB
#
_cell.length_a   57.554
_cell.length_b   57.554
_cell.length_c   159.979
_cell.angle_alpha   90.000
_cell.angle_beta   90.000
_cell.angle_gamma   120.000
#
_symmetry.space_group_name_H-M   'P 32 2 1'
#
loop_
_entity.id
_entity.type
_entity.pdbx_description
1 polymer 'Chaperone protein IpgC'
2 non-polymer 'CHLORIDE ION'
3 non-polymer 'MAGNESIUM ION'
4 water water
#
_entity_poly.entity_id   1
_entity_poly.type   'polypeptide(L)'
_entity_poly.pdbx_seq_one_letter_code
;GSISTAVIDAINSGATLKDINAIPDDMMDDIYSYAYDFYNKGRIEEAEVFFRFLCIYDFYNVDYIMGLAAIYQIKEQFQQ
AADLYAVAFALGKNDYTPVFHTGQCQLRLKAPLKAKECFELVIQHSNDEKLKIKAQSYLDAIQ
;
_entity_poly.pdbx_strand_id   A,B
#
loop_
_chem_comp.id
_chem_comp.type
_chem_comp.name
_chem_comp.formula
CL non-polymer 'CHLORIDE ION' 'Cl -1'
MG non-polymer 'MAGNESIUM ION' 'Mg 2'
#
# COMPACT_ATOMS: atom_id res chain seq x y z
N THR A 16 -15.74 12.11 -3.86
CA THR A 16 -16.41 11.14 -2.99
C THR A 16 -17.27 11.82 -1.93
N LEU A 17 -18.00 11.00 -1.17
CA LEU A 17 -18.81 11.52 -0.07
C LEU A 17 -17.95 12.26 0.96
N LYS A 18 -16.74 11.75 1.22
CA LYS A 18 -15.88 12.44 2.17
C LYS A 18 -15.43 13.79 1.63
N ASP A 19 -15.10 13.84 0.33
CA ASP A 19 -14.63 15.08 -0.27
C ASP A 19 -15.60 16.23 -0.02
N ILE A 20 -16.90 15.93 -0.05
CA ILE A 20 -17.92 16.96 0.07
C ILE A 20 -18.53 17.02 1.47
N ASN A 21 -17.93 16.38 2.46
CA ASN A 21 -18.43 16.44 3.83
C ASN A 21 -19.93 16.11 3.89
N ALA A 22 -20.30 14.97 3.32
CA ALA A 22 -21.72 14.62 3.23
C ALA A 22 -22.31 14.25 4.60
N ILE A 23 -21.49 13.75 5.52
CA ILE A 23 -21.92 13.34 6.86
C ILE A 23 -21.02 14.04 7.87
N PRO A 24 -21.55 14.60 8.95
CA PRO A 24 -20.70 15.32 9.89
C PRO A 24 -19.62 14.43 10.50
N ASP A 25 -18.50 15.07 10.86
CA ASP A 25 -17.35 14.35 11.41
C ASP A 25 -17.71 13.53 12.64
N ASP A 26 -18.45 14.12 13.58
CA ASP A 26 -18.78 13.38 14.78
C ASP A 26 -19.65 12.17 14.49
N MET A 27 -20.54 12.25 13.49
CA MET A 27 -21.35 11.10 13.15
C MET A 27 -20.51 10.00 12.49
N MET A 28 -19.52 10.38 11.67
CA MET A 28 -18.59 9.39 11.17
C MET A 28 -17.83 8.72 12.30
N ASP A 29 -17.33 9.49 13.28
CA ASP A 29 -16.70 8.88 14.44
C ASP A 29 -17.64 7.88 15.10
N ASP A 30 -18.91 8.27 15.28
CA ASP A 30 -19.86 7.37 15.91
C ASP A 30 -19.96 6.08 15.11
N ILE A 31 -20.08 6.19 13.78
CA ILE A 31 -20.26 5.01 12.94
C ILE A 31 -19.05 4.09 13.04
N TYR A 32 -17.84 4.65 13.05
CA TYR A 32 -16.62 3.84 13.23
C TYR A 32 -16.62 3.13 14.59
N SER A 33 -17.02 3.83 15.64
CA SER A 33 -17.10 3.20 16.97
C SER A 33 -18.14 2.09 17.00
N TYR A 34 -19.29 2.31 16.35
CA TYR A 34 -20.32 1.27 16.31
C TYR A 34 -19.84 0.07 15.51
N ALA A 35 -19.10 0.33 14.43
CA ALA A 35 -18.51 -0.76 13.67
C ALA A 35 -17.64 -1.63 14.56
N TYR A 36 -16.82 -1.00 15.41
CA TYR A 36 -15.96 -1.80 16.27
C TYR A 36 -16.76 -2.46 17.39
N ASP A 37 -17.85 -1.84 17.86
CA ASP A 37 -18.69 -2.51 18.84
C ASP A 37 -19.23 -3.81 18.27
N PHE A 38 -19.74 -3.76 17.04
CA PHE A 38 -20.19 -4.97 16.38
C PHE A 38 -19.06 -5.99 16.29
N TYR A 39 -17.88 -5.58 15.83
CA TYR A 39 -16.77 -6.50 15.69
C TYR A 39 -16.40 -7.14 17.03
N ASN A 40 -16.38 -6.33 18.09
CA ASN A 40 -15.92 -6.83 19.39
C ASN A 40 -16.93 -7.79 20.00
N LYS A 41 -18.22 -7.63 19.69
CA LYS A 41 -19.24 -8.57 20.16
C LYS A 41 -19.50 -9.68 19.15
N GLY A 42 -18.66 -9.80 18.12
CA GLY A 42 -18.69 -10.96 17.25
C GLY A 42 -19.80 -10.91 16.24
N ARG A 43 -20.36 -9.72 16.05
CA ARG A 43 -21.41 -9.46 15.05
C ARG A 43 -20.71 -9.06 13.77
N ILE A 44 -20.07 -10.06 13.17
CA ILE A 44 -19.15 -9.82 12.06
C ILE A 44 -19.90 -9.34 10.81
N GLU A 45 -21.09 -9.90 10.55
CA GLU A 45 -21.82 -9.50 9.35
C GLU A 45 -22.22 -8.02 9.41
N GLU A 46 -22.69 -7.58 10.57
CA GLU A 46 -23.05 -6.18 10.76
C GLU A 46 -21.81 -5.29 10.74
N ALA A 47 -20.72 -5.75 11.36
CA ALA A 47 -19.50 -4.98 11.32
C ALA A 47 -18.98 -4.84 9.91
N GLU A 48 -19.09 -5.91 9.10
CA GLU A 48 -18.68 -5.83 7.71
C GLU A 48 -19.46 -4.77 6.95
N VAL A 49 -20.80 -4.75 7.12
CA VAL A 49 -21.62 -3.70 6.49
C VAL A 49 -21.09 -2.33 6.89
N PHE A 50 -20.85 -2.14 8.20
CA PHE A 50 -20.43 -0.83 8.68
C PHE A 50 -19.04 -0.46 8.17
N PHE A 51 -18.08 -1.39 8.17
CA PHE A 51 -16.76 -1.03 7.68
C PHE A 51 -16.76 -0.84 6.18
N ARG A 52 -17.60 -1.58 5.43
CA ARG A 52 -17.74 -1.28 4.00
C ARG A 52 -18.35 0.10 3.79
N PHE A 53 -19.35 0.46 4.59
CA PHE A 53 -19.92 1.79 4.53
C PHE A 53 -18.86 2.86 4.72
N LEU A 54 -18.01 2.69 5.75
CA LEU A 54 -16.95 3.65 6.02
C LEU A 54 -15.97 3.76 4.86
N CYS A 55 -15.59 2.64 4.26
CA CYS A 55 -14.60 2.66 3.20
C CYS A 55 -15.16 3.17 1.89
N ILE A 56 -16.49 3.07 1.70
CA ILE A 56 -17.14 3.75 0.60
C ILE A 56 -17.13 5.25 0.83
N TYR A 57 -17.40 5.65 2.07
CA TYR A 57 -17.44 7.07 2.38
C TYR A 57 -16.07 7.71 2.20
N ASP A 58 -15.00 7.06 2.69
CA ASP A 58 -13.64 7.59 2.60
C ASP A 58 -12.67 6.42 2.41
N PHE A 59 -12.43 6.07 1.15
CA PHE A 59 -11.49 5.00 0.82
C PHE A 59 -10.08 5.32 1.29
N TYR A 60 -9.79 6.59 1.56
CA TYR A 60 -8.43 7.02 1.88
C TYR A 60 -8.14 7.04 3.38
N ASN A 61 -9.09 6.63 4.22
CA ASN A 61 -8.92 6.66 5.67
C ASN A 61 -8.30 5.34 6.10
N VAL A 62 -7.04 5.40 6.55
CA VAL A 62 -6.29 4.17 6.84
C VAL A 62 -6.99 3.34 7.90
N ASP A 63 -7.57 3.97 8.91
CA ASP A 63 -8.21 3.20 9.97
C ASP A 63 -9.51 2.56 9.48
N TYR A 64 -10.20 3.19 8.54
CA TYR A 64 -11.36 2.51 7.98
C TYR A 64 -10.94 1.28 7.20
N ILE A 65 -9.89 1.39 6.39
N ILE A 65 -9.91 1.40 6.35
CA ILE A 65 -9.35 0.26 5.64
CA ILE A 65 -9.36 0.26 5.65
C ILE A 65 -8.91 -0.85 6.57
C ILE A 65 -8.98 -0.85 6.61
N MET A 66 -8.18 -0.51 7.65
CA MET A 66 -7.77 -1.52 8.61
C MET A 66 -8.95 -2.25 9.22
N GLY A 67 -10.05 -1.54 9.45
CA GLY A 67 -11.24 -2.20 9.99
C GLY A 67 -11.80 -3.24 9.04
N LEU A 68 -11.91 -2.87 7.76
CA LEU A 68 -12.42 -3.84 6.79
C LEU A 68 -11.44 -4.99 6.60
N ALA A 69 -10.12 -4.70 6.64
CA ALA A 69 -9.12 -5.77 6.54
C ALA A 69 -9.24 -6.74 7.70
N ALA A 70 -9.49 -6.21 8.90
CA ALA A 70 -9.71 -7.06 10.07
C ALA A 70 -10.91 -7.98 9.87
N ILE A 71 -11.99 -7.47 9.25
CA ILE A 71 -13.15 -8.31 8.98
C ILE A 71 -12.76 -9.45 8.05
N TYR A 72 -12.09 -9.10 6.96
CA TYR A 72 -11.71 -10.14 6.01
C TYR A 72 -10.80 -11.16 6.67
N GLN A 73 -9.88 -10.71 7.52
CA GLN A 73 -9.00 -11.66 8.20
C GLN A 73 -9.81 -12.59 9.10
N ILE A 74 -10.74 -12.05 9.88
CA ILE A 74 -11.50 -12.91 10.79
C ILE A 74 -12.40 -13.86 10.01
N LYS A 75 -12.83 -13.47 8.82
CA LYS A 75 -13.60 -14.37 7.96
C LYS A 75 -12.72 -15.37 7.21
N GLU A 76 -11.41 -15.37 7.47
CA GLU A 76 -10.47 -16.28 6.82
C GLU A 76 -10.38 -16.03 5.32
N GLN A 77 -10.66 -14.79 4.92
CA GLN A 77 -10.40 -14.30 3.56
C GLN A 77 -9.02 -13.61 3.57
N PHE A 78 -7.97 -14.45 3.64
CA PHE A 78 -6.67 -13.94 4.05
C PHE A 78 -5.99 -13.14 2.96
N GLN A 79 -6.16 -13.53 1.68
CA GLN A 79 -5.54 -12.72 0.63
C GLN A 79 -6.25 -11.38 0.48
N GLN A 80 -7.59 -11.40 0.62
CA GLN A 80 -8.37 -10.17 0.57
C GLN A 80 -7.95 -9.21 1.68
N ALA A 81 -7.72 -9.74 2.88
CA ALA A 81 -7.20 -8.93 3.99
C ALA A 81 -5.80 -8.39 3.68
N ALA A 82 -4.90 -9.27 3.25
CA ALA A 82 -3.53 -8.86 2.93
C ALA A 82 -3.52 -7.76 1.89
N ASP A 83 -4.42 -7.84 0.90
CA ASP A 83 -4.46 -6.79 -0.12
C ASP A 83 -4.78 -5.44 0.52
N LEU A 84 -5.79 -5.41 1.38
CA LEU A 84 -6.14 -4.16 2.03
C LEU A 84 -5.04 -3.71 2.98
N TYR A 85 -4.40 -4.64 3.68
CA TYR A 85 -3.29 -4.26 4.54
C TYR A 85 -2.16 -3.59 3.75
N ALA A 86 -1.92 -4.01 2.50
CA ALA A 86 -0.89 -3.34 1.72
C ALA A 86 -1.28 -1.89 1.45
N VAL A 87 -2.54 -1.65 1.08
CA VAL A 87 -2.99 -0.27 0.87
C VAL A 87 -2.90 0.53 2.15
N ALA A 88 -3.36 -0.05 3.27
CA ALA A 88 -3.29 0.68 4.54
C ALA A 88 -1.86 1.03 4.91
N PHE A 89 -0.95 0.09 4.75
CA PHE A 89 0.45 0.39 5.05
C PHE A 89 0.93 1.54 4.19
N ALA A 90 0.65 1.47 2.91
CA ALA A 90 1.09 2.52 2.00
C ALA A 90 0.51 3.87 2.40
N LEU A 91 -0.77 3.91 2.76
CA LEU A 91 -1.38 5.20 3.09
C LEU A 91 -0.89 5.74 4.42
N GLY A 92 -0.64 4.86 5.39
CA GLY A 92 -0.13 5.28 6.69
C GLY A 92 1.34 5.63 6.71
N LYS A 93 2.11 5.10 5.75
CA LYS A 93 3.56 5.22 5.58
C LYS A 93 4.45 4.59 6.65
N ASN A 94 4.23 4.92 7.93
CA ASN A 94 5.17 4.50 8.97
C ASN A 94 4.53 3.66 10.07
N ASP A 95 3.34 3.14 9.86
CA ASP A 95 2.70 2.25 10.83
C ASP A 95 2.82 0.82 10.30
N TYR A 96 3.59 -0.01 11.01
CA TYR A 96 3.82 -1.38 10.57
C TYR A 96 2.76 -2.37 11.07
N THR A 97 1.72 -1.92 11.78
CA THR A 97 0.66 -2.83 12.20
C THR A 97 0.04 -3.57 11.02
N PRO A 98 -0.26 -2.93 9.88
CA PRO A 98 -0.78 -3.72 8.76
C PRO A 98 0.21 -4.74 8.22
N VAL A 99 1.53 -4.46 8.30
CA VAL A 99 2.53 -5.43 7.86
C VAL A 99 2.55 -6.63 8.79
N PHE A 100 2.44 -6.41 10.11
CA PHE A 100 2.29 -7.50 11.06
C PHE A 100 1.10 -8.40 10.72
N HIS A 101 -0.07 -7.80 10.46
CA HIS A 101 -1.23 -8.61 10.14
C HIS A 101 -1.08 -9.32 8.79
N THR A 102 -0.42 -8.68 7.82
CA THR A 102 -0.07 -9.36 6.57
C THR A 102 0.75 -10.61 6.85
N GLY A 103 1.72 -10.53 7.76
CA GLY A 103 2.49 -11.73 8.09
C GLY A 103 1.61 -12.86 8.60
N GLN A 104 0.63 -12.53 9.45
CA GLN A 104 -0.31 -13.52 9.93
C GLN A 104 -1.09 -14.13 8.76
N CYS A 105 -1.57 -13.29 7.84
CA CYS A 105 -2.32 -13.76 6.68
C CYS A 105 -1.47 -14.68 5.82
N GLN A 106 -0.22 -14.31 5.58
CA GLN A 106 0.65 -15.14 4.75
C GLN A 106 0.91 -16.49 5.40
N LEU A 107 1.04 -16.53 6.73
N LEU A 107 1.10 -16.54 6.73
CA LEU A 107 1.19 -17.81 7.41
CA LEU A 107 1.21 -17.85 7.36
C LEU A 107 -0.02 -18.72 7.16
C LEU A 107 -0.01 -18.72 7.06
N ARG A 108 -1.21 -18.14 7.12
CA ARG A 108 -2.43 -18.90 6.89
C ARG A 108 -2.62 -19.32 5.44
N LEU A 109 -2.03 -18.57 4.51
CA LEU A 109 -1.97 -18.90 3.10
C LEU A 109 -0.84 -19.87 2.76
N LYS A 110 -0.10 -20.36 3.76
CA LYS A 110 0.99 -21.33 3.57
C LYS A 110 2.13 -20.73 2.74
N ALA A 111 2.46 -19.48 3.04
CA ALA A 111 3.55 -18.73 2.41
C ALA A 111 4.51 -18.25 3.50
N PRO A 112 5.24 -19.18 4.13
CA PRO A 112 6.02 -18.78 5.31
C PRO A 112 7.18 -17.85 5.01
N LEU A 113 7.73 -17.87 3.78
CA LEU A 113 8.82 -16.95 3.48
C LEU A 113 8.30 -15.53 3.35
N LYS A 114 7.12 -15.36 2.76
CA LYS A 114 6.52 -14.03 2.72
C LYS A 114 6.14 -13.57 4.11
N ALA A 115 5.62 -14.47 4.95
CA ALA A 115 5.31 -14.08 6.32
C ALA A 115 6.57 -13.65 7.09
N LYS A 116 7.66 -14.41 6.93
CA LYS A 116 8.91 -14.07 7.62
C LYS A 116 9.40 -12.70 7.19
N GLU A 117 9.34 -12.40 5.88
CA GLU A 117 9.68 -11.07 5.38
C GLU A 117 8.87 -9.97 6.06
N CYS A 118 7.57 -10.19 6.22
CA CYS A 118 6.72 -9.21 6.89
C CYS A 118 7.13 -8.98 8.32
N PHE A 119 7.26 -10.06 9.11
CA PHE A 119 7.61 -9.88 10.51
C PHE A 119 9.00 -9.29 10.66
N GLU A 120 9.92 -9.66 9.78
CA GLU A 120 11.26 -9.07 9.78
C GLU A 120 11.21 -7.57 9.51
N LEU A 121 10.34 -7.16 8.59
CA LEU A 121 10.22 -5.73 8.30
C LEU A 121 9.71 -4.97 9.53
N VAL A 122 8.73 -5.52 10.25
CA VAL A 122 8.27 -4.89 11.48
C VAL A 122 9.45 -4.68 12.43
N ILE A 123 10.23 -5.74 12.67
CA ILE A 123 11.38 -5.68 13.56
C ILE A 123 12.37 -4.60 13.11
N GLN A 124 12.64 -4.52 11.81
CA GLN A 124 13.68 -3.62 11.33
C GLN A 124 13.25 -2.16 11.27
N HIS A 125 11.98 -1.87 11.00
CA HIS A 125 11.53 -0.50 10.77
C HIS A 125 10.64 0.07 11.86
N SER A 126 9.89 -0.76 12.58
CA SER A 126 8.88 -0.22 13.47
C SER A 126 9.47 0.41 14.73
N ASN A 127 8.86 1.50 15.17
CA ASN A 127 9.19 2.12 16.44
C ASN A 127 8.19 1.77 17.53
N ASP A 128 7.26 0.86 17.24
CA ASP A 128 6.24 0.39 18.20
C ASP A 128 6.79 -0.82 18.92
N GLU A 129 7.30 -0.63 20.13
CA GLU A 129 8.00 -1.71 20.80
C GLU A 129 7.09 -2.87 21.14
N LYS A 130 5.83 -2.59 21.47
CA LYS A 130 4.89 -3.67 21.76
C LYS A 130 4.59 -4.50 20.51
N LEU A 131 4.46 -3.83 19.36
CA LEU A 131 4.23 -4.56 18.11
C LEU A 131 5.41 -5.44 17.74
N LYS A 132 6.63 -4.95 17.99
CA LYS A 132 7.82 -5.73 17.66
C LYS A 132 7.91 -6.98 18.52
N ILE A 133 7.48 -6.91 19.79
CA ILE A 133 7.49 -8.11 20.62
C ILE A 133 6.62 -9.19 19.98
N LYS A 134 5.44 -8.81 19.51
CA LYS A 134 4.55 -9.76 18.84
C LYS A 134 5.17 -10.30 17.56
N ALA A 135 5.74 -9.42 16.73
CA ALA A 135 6.40 -9.89 15.51
C ALA A 135 7.51 -10.87 15.83
N GLN A 136 8.32 -10.61 16.86
CA GLN A 136 9.43 -11.51 17.17
C GLN A 136 8.92 -12.88 17.63
N SER A 137 7.84 -12.90 18.42
N SER A 137 7.87 -12.90 18.43
CA SER A 137 7.26 -14.17 18.83
CA SER A 137 7.27 -14.18 18.82
C SER A 137 6.85 -15.01 17.62
C SER A 137 6.89 -15.00 17.59
N TYR A 138 6.32 -14.36 16.57
CA TYR A 138 5.99 -15.11 15.36
C TYR A 138 7.23 -15.62 14.66
N LEU A 139 8.26 -14.77 14.54
CA LEU A 139 9.49 -15.19 13.89
C LEU A 139 10.13 -16.38 14.62
N ASP A 140 10.08 -16.37 15.95
CA ASP A 140 10.70 -17.45 16.73
C ASP A 140 10.07 -18.80 16.40
N ALA A 141 8.76 -18.82 16.12
CA ALA A 141 8.02 -20.04 15.82
C ALA A 141 8.13 -20.50 14.37
N ILE A 142 8.43 -19.59 13.44
CA ILE A 142 8.51 -19.96 12.03
C ILE A 142 9.73 -20.85 11.80
N GLN A 143 9.53 -21.96 11.11
CA GLN A 143 10.56 -22.97 10.98
C GLN A 143 11.74 -22.54 10.11
N GLY B 1 -8.52 7.19 -8.76
CA GLY B 1 -7.21 6.68 -9.12
C GLY B 1 -7.01 5.20 -8.89
N SER B 2 -5.75 4.75 -9.04
N SER B 2 -5.76 4.73 -9.07
CA SER B 2 -5.43 3.33 -8.94
CA SER B 2 -5.47 3.31 -8.92
C SER B 2 -5.72 2.78 -7.54
C SER B 2 -5.83 2.80 -7.52
N ILE B 3 -5.52 3.59 -6.50
CA ILE B 3 -5.77 3.12 -5.13
C ILE B 3 -7.27 3.03 -4.86
N SER B 4 -8.02 4.05 -5.28
N SER B 4 -8.01 4.06 -5.26
CA SER B 4 -9.47 4.00 -5.11
CA SER B 4 -9.48 4.05 -5.17
C SER B 4 -10.06 2.78 -5.80
C SER B 4 -10.06 2.80 -5.81
N THR B 5 -9.61 2.47 -7.02
CA THR B 5 -10.06 1.26 -7.70
C THR B 5 -9.76 0.01 -6.87
N ALA B 6 -8.54 -0.06 -6.32
CA ALA B 6 -8.21 -1.23 -5.53
C ALA B 6 -9.11 -1.33 -4.31
N VAL B 7 -9.44 -0.19 -3.69
CA VAL B 7 -10.21 -0.28 -2.47
C VAL B 7 -11.66 -0.62 -2.82
N ILE B 8 -12.20 -0.02 -3.89
CA ILE B 8 -13.56 -0.34 -4.34
C ILE B 8 -13.68 -1.81 -4.69
N ASP B 9 -12.70 -2.34 -5.42
CA ASP B 9 -12.67 -3.77 -5.70
C ASP B 9 -12.71 -4.58 -4.42
N ALA B 10 -11.94 -4.16 -3.41
CA ALA B 10 -11.88 -4.96 -2.18
C ALA B 10 -13.18 -4.89 -1.40
N ILE B 11 -13.84 -3.73 -1.40
CA ILE B 11 -15.13 -3.58 -0.73
C ILE B 11 -16.17 -4.49 -1.39
N ASN B 12 -16.27 -4.39 -2.72
CA ASN B 12 -17.35 -5.07 -3.43
C ASN B 12 -17.08 -6.56 -3.50
N SER B 13 -15.80 -6.96 -3.41
CA SER B 13 -15.39 -8.34 -3.23
C SER B 13 -16.01 -9.28 -4.26
N GLY B 14 -16.39 -8.75 -5.41
CA GLY B 14 -16.88 -9.56 -6.50
C GLY B 14 -15.75 -10.09 -7.34
N ALA B 15 -16.11 -10.68 -8.48
CA ALA B 15 -15.11 -11.17 -9.41
C ALA B 15 -14.51 -9.99 -10.17
N THR B 16 -13.19 -9.98 -10.27
CA THR B 16 -12.49 -9.00 -11.06
C THR B 16 -12.10 -9.61 -12.40
N LEU B 17 -11.56 -8.76 -13.27
CA LEU B 17 -11.06 -9.27 -14.54
C LEU B 17 -9.92 -10.25 -14.32
N LYS B 18 -9.06 -9.97 -13.33
CA LYS B 18 -7.95 -10.88 -13.07
C LYS B 18 -8.44 -12.19 -12.45
N ASP B 19 -9.49 -12.12 -11.61
CA ASP B 19 -10.04 -13.35 -11.03
C ASP B 19 -10.34 -14.40 -12.11
N ILE B 20 -10.82 -13.96 -13.28
CA ILE B 20 -11.16 -14.89 -14.35
C ILE B 20 -10.03 -14.99 -15.38
N ASN B 21 -8.84 -14.49 -15.03
CA ASN B 21 -7.66 -14.49 -15.92
C ASN B 21 -8.03 -13.96 -17.30
N ALA B 22 -8.64 -12.78 -17.31
CA ALA B 22 -9.17 -12.25 -18.56
C ALA B 22 -8.07 -11.86 -19.54
N ILE B 23 -6.89 -11.49 -19.05
CA ILE B 23 -5.79 -11.07 -19.91
C ILE B 23 -4.57 -11.90 -19.54
N PRO B 24 -4.04 -12.72 -20.45
CA PRO B 24 -2.89 -13.57 -20.11
C PRO B 24 -1.64 -12.75 -19.86
N ASP B 25 -0.72 -13.36 -19.09
CA ASP B 25 0.54 -12.72 -18.72
C ASP B 25 1.30 -12.19 -19.92
N ASP B 26 1.34 -12.95 -21.01
CA ASP B 26 2.13 -12.51 -22.16
C ASP B 26 1.58 -11.22 -22.74
N MET B 27 0.25 -11.05 -22.77
CA MET B 27 -0.32 -9.81 -23.28
C MET B 27 -0.12 -8.67 -22.30
N MET B 28 -0.21 -8.95 -21.00
CA MET B 28 0.13 -7.94 -20.01
C MET B 28 1.58 -7.47 -20.19
N ASP B 29 2.51 -8.42 -20.42
CA ASP B 29 3.89 -8.04 -20.69
C ASP B 29 3.98 -7.10 -21.88
N ASP B 30 3.27 -7.42 -22.97
CA ASP B 30 3.27 -6.58 -24.15
C ASP B 30 2.76 -5.19 -23.83
N ILE B 31 1.62 -5.10 -23.12
CA ILE B 31 1.04 -3.78 -22.83
C ILE B 31 2.01 -2.97 -21.97
N TYR B 32 2.67 -3.63 -21.03
CA TYR B 32 3.69 -2.96 -20.24
C TYR B 32 4.81 -2.42 -21.13
N SER B 33 5.25 -3.20 -22.12
N SER B 33 5.24 -3.19 -22.13
CA SER B 33 6.26 -2.72 -23.05
CA SER B 33 6.28 -2.71 -23.04
C SER B 33 5.80 -1.47 -23.79
C SER B 33 5.80 -1.48 -23.82
N TYR B 34 4.54 -1.50 -24.25
CA TYR B 34 4.01 -0.34 -24.97
C TYR B 34 3.92 0.88 -24.05
N ALA B 35 3.56 0.66 -22.79
CA ALA B 35 3.51 1.77 -21.85
C ALA B 35 4.88 2.46 -21.76
N TYR B 36 5.95 1.68 -21.67
CA TYR B 36 7.26 2.30 -21.59
C TYR B 36 7.69 2.87 -22.92
N ASP B 37 7.27 2.26 -24.04
CA ASP B 37 7.53 2.89 -25.33
C ASP B 37 6.95 4.29 -25.35
N PHE B 38 5.69 4.44 -24.93
CA PHE B 38 5.12 5.77 -24.85
C PHE B 38 5.94 6.64 -23.90
N TYR B 39 6.20 6.12 -22.71
CA TYR B 39 6.86 6.93 -21.67
C TYR B 39 8.21 7.44 -22.17
N ASN B 40 8.98 6.58 -22.81
CA ASN B 40 10.33 6.94 -23.22
C ASN B 40 10.33 7.97 -24.34
N LYS B 41 9.26 8.02 -25.14
CA LYS B 41 9.15 9.00 -26.21
C LYS B 41 8.53 10.32 -25.74
N GLY B 42 8.27 10.46 -24.44
CA GLY B 42 7.68 11.67 -23.92
C GLY B 42 6.17 11.71 -24.00
N ARG B 43 5.53 10.64 -24.48
N ARG B 43 5.53 10.64 -24.49
CA ARG B 43 4.07 10.56 -24.56
CA ARG B 43 4.07 10.55 -24.56
C ARG B 43 3.54 10.13 -23.20
C ARG B 43 3.56 10.12 -23.19
N ILE B 44 3.70 11.04 -22.23
CA ILE B 44 3.41 10.71 -20.84
C ILE B 44 1.92 10.45 -20.62
N GLU B 45 1.04 11.22 -21.28
CA GLU B 45 -0.38 11.02 -21.04
C GLU B 45 -0.82 9.64 -21.51
N GLU B 46 -0.30 9.17 -22.65
N GLU B 46 -0.30 9.21 -22.65
CA GLU B 46 -0.67 7.84 -23.10
CA GLU B 46 -0.60 7.87 -23.17
C GLU B 46 -0.03 6.76 -22.23
C GLU B 46 -0.02 6.80 -22.26
N ALA B 47 1.21 6.97 -21.81
CA ALA B 47 1.82 6.02 -20.89
C ALA B 47 1.01 5.93 -19.60
N GLU B 48 0.53 7.08 -19.10
CA GLU B 48 -0.25 7.06 -17.87
C GLU B 48 -1.52 6.22 -18.03
N VAL B 49 -2.24 6.40 -19.14
CA VAL B 49 -3.42 5.59 -19.40
C VAL B 49 -3.05 4.12 -19.40
N PHE B 50 -1.97 3.76 -20.09
CA PHE B 50 -1.59 2.36 -20.15
C PHE B 50 -1.20 1.82 -18.77
N PHE B 51 -0.46 2.60 -17.97
CA PHE B 51 -0.14 2.11 -16.63
C PHE B 51 -1.38 2.08 -15.74
N ARG B 52 -2.31 3.04 -15.89
CA ARG B 52 -3.57 2.94 -15.15
C ARG B 52 -4.35 1.69 -15.53
N PHE B 53 -4.34 1.35 -16.82
CA PHE B 53 -4.97 0.13 -17.30
C PHE B 53 -4.35 -1.10 -16.65
N LEU B 54 -3.01 -1.18 -16.63
CA LEU B 54 -2.34 -2.33 -16.04
C LEU B 54 -2.66 -2.42 -14.54
N CYS B 55 -2.74 -1.29 -13.87
CA CYS B 55 -3.05 -1.27 -12.44
C CYS B 55 -4.52 -1.56 -12.15
N ILE B 56 -5.45 -1.31 -13.08
CA ILE B 56 -6.80 -1.80 -12.85
C ILE B 56 -6.81 -3.31 -12.90
N TYR B 57 -6.13 -3.89 -13.89
CA TYR B 57 -6.13 -5.34 -14.03
C TYR B 57 -5.36 -6.03 -12.92
N ASP B 58 -4.20 -5.51 -12.56
CA ASP B 58 -3.28 -6.16 -11.63
C ASP B 58 -2.61 -5.07 -10.79
N PHE B 59 -3.39 -4.57 -9.81
CA PHE B 59 -2.89 -3.49 -8.96
C PHE B 59 -1.70 -3.93 -8.13
N TYR B 60 -1.66 -5.18 -7.70
CA TYR B 60 -0.66 -5.61 -6.73
C TYR B 60 0.57 -6.15 -7.46
N ASN B 61 1.13 -5.30 -8.31
CA ASN B 61 2.24 -5.61 -9.19
C ASN B 61 3.26 -4.49 -9.08
N VAL B 62 4.44 -4.79 -8.54
N VAL B 62 4.44 -4.78 -8.51
CA VAL B 62 5.41 -3.75 -8.23
CA VAL B 62 5.42 -3.74 -8.23
C VAL B 62 5.82 -2.98 -9.48
C VAL B 62 5.78 -2.96 -9.50
N ASP B 63 5.99 -3.67 -10.61
CA ASP B 63 6.44 -2.98 -11.80
C ASP B 63 5.39 -2.03 -12.35
N TYR B 64 4.12 -2.39 -12.24
CA TYR B 64 3.12 -1.47 -12.76
C TYR B 64 3.00 -0.25 -11.88
N ILE B 65 2.98 -0.47 -10.56
CA ILE B 65 2.89 0.63 -9.60
C ILE B 65 4.07 1.58 -9.75
N MET B 66 5.28 1.04 -9.86
CA MET B 66 6.45 1.90 -10.00
C MET B 66 6.40 2.74 -11.27
N GLY B 67 5.89 2.18 -12.37
CA GLY B 67 5.79 2.97 -13.60
C GLY B 67 4.85 4.14 -13.42
N LEU B 68 3.71 3.90 -12.80
CA LEU B 68 2.76 4.95 -12.58
C LEU B 68 3.26 5.97 -11.56
N ALA B 69 3.93 5.50 -10.50
N ALA B 69 3.93 5.50 -10.50
CA ALA B 69 4.44 6.44 -9.50
CA ALA B 69 4.44 6.44 -9.50
C ALA B 69 5.48 7.38 -10.11
C ALA B 69 5.48 7.38 -10.11
N ALA B 70 6.32 6.87 -11.01
CA ALA B 70 7.30 7.72 -11.67
C ALA B 70 6.61 8.82 -12.46
N ILE B 71 5.52 8.49 -13.12
CA ILE B 71 4.81 9.51 -13.89
C ILE B 71 4.28 10.60 -12.97
N TYR B 72 3.65 10.22 -11.86
CA TYR B 72 3.13 11.23 -10.95
C TYR B 72 4.26 12.09 -10.38
N GLN B 73 5.42 11.49 -10.09
CA GLN B 73 6.51 12.28 -9.55
C GLN B 73 6.97 13.31 -10.59
N ILE B 74 7.13 12.89 -11.84
CA ILE B 74 7.60 13.84 -12.85
C ILE B 74 6.54 14.92 -13.11
N LYS B 75 5.25 14.60 -12.94
CA LYS B 75 4.20 15.60 -13.06
C LYS B 75 4.01 16.44 -11.79
N GLU B 76 4.85 16.25 -10.76
CA GLU B 76 4.74 17.02 -9.51
C GLU B 76 3.43 16.77 -8.78
N GLN B 77 2.83 15.60 -9.01
N GLN B 77 2.84 15.58 -8.99
CA GLN B 77 1.71 15.13 -8.20
CA GLN B 77 1.71 15.12 -8.19
C GLN B 77 2.32 14.28 -7.08
C GLN B 77 2.27 14.28 -7.05
N PHE B 78 2.91 14.99 -6.11
CA PHE B 78 3.80 14.31 -5.18
C PHE B 78 3.06 13.44 -4.18
N GLN B 79 1.84 13.80 -3.79
CA GLN B 79 1.13 12.93 -2.86
C GLN B 79 0.73 11.62 -3.54
N GLN B 80 0.21 11.69 -4.77
CA GLN B 80 -0.13 10.47 -5.47
C GLN B 80 1.10 9.60 -5.69
N ALA B 81 2.22 10.23 -6.02
CA ALA B 81 3.48 9.50 -6.19
C ALA B 81 3.92 8.85 -4.89
N ALA B 82 3.90 9.61 -3.79
CA ALA B 82 4.33 9.06 -2.50
C ALA B 82 3.49 7.85 -2.12
N ASP B 83 2.19 7.95 -2.34
CA ASP B 83 1.31 6.85 -1.94
C ASP B 83 1.62 5.60 -2.75
N LEU B 84 1.84 5.75 -4.06
CA LEU B 84 2.12 4.59 -4.89
C LEU B 84 3.52 4.03 -4.62
N TYR B 85 4.52 4.89 -4.39
CA TYR B 85 5.84 4.35 -4.04
C TYR B 85 5.76 3.55 -2.75
N ALA B 86 4.92 4.00 -1.81
CA ALA B 86 4.73 3.25 -0.59
C ALA B 86 4.08 1.90 -0.87
N VAL B 87 3.12 1.84 -1.80
CA VAL B 87 2.55 0.56 -2.20
C VAL B 87 3.62 -0.31 -2.80
N ALA B 88 4.46 0.27 -3.66
CA ALA B 88 5.53 -0.48 -4.28
C ALA B 88 6.46 -1.11 -3.25
N PHE B 89 6.83 -0.37 -2.19
CA PHE B 89 7.68 -0.96 -1.16
C PHE B 89 6.95 -2.10 -0.45
N ALA B 90 5.66 -1.91 -0.14
CA ALA B 90 4.87 -2.98 0.48
C ALA B 90 4.93 -4.25 -0.36
N LEU B 91 4.84 -4.09 -1.68
CA LEU B 91 4.86 -5.20 -2.63
C LEU B 91 6.25 -5.79 -2.86
N GLY B 92 7.33 -5.06 -2.55
CA GLY B 92 8.69 -5.54 -2.74
C GLY B 92 9.56 -5.01 -1.62
N LYS B 93 9.42 -5.67 -0.47
CA LYS B 93 9.97 -5.22 0.80
C LYS B 93 11.48 -5.20 0.87
N ASN B 94 12.20 -5.64 -0.15
CA ASN B 94 13.65 -5.65 -0.09
C ASN B 94 14.29 -4.63 -1.03
N ASP B 95 13.49 -3.81 -1.72
CA ASP B 95 14.02 -2.77 -2.59
C ASP B 95 13.74 -1.40 -1.96
N TYR B 96 14.80 -0.71 -1.52
CA TYR B 96 14.63 0.60 -0.90
C TYR B 96 14.51 1.74 -1.92
N THR B 97 14.58 1.47 -3.23
CA THR B 97 14.42 2.55 -4.20
C THR B 97 13.09 3.29 -4.05
N PRO B 98 11.94 2.61 -3.91
CA PRO B 98 10.69 3.36 -3.70
C PRO B 98 10.66 4.12 -2.40
N VAL B 99 11.37 3.66 -1.38
CA VAL B 99 11.46 4.40 -0.13
C VAL B 99 12.22 5.71 -0.33
N PHE B 100 13.33 5.65 -1.08
CA PHE B 100 14.04 6.86 -1.44
C PHE B 100 13.14 7.83 -2.18
N HIS B 101 12.37 7.33 -3.16
CA HIS B 101 11.51 8.24 -3.91
C HIS B 101 10.39 8.77 -3.04
N THR B 102 9.87 7.94 -2.14
CA THR B 102 8.88 8.44 -1.18
C THR B 102 9.46 9.60 -0.41
N GLY B 103 10.73 9.46 0.02
CA GLY B 103 11.37 10.54 0.75
C GLY B 103 11.46 11.82 -0.05
N GLN B 104 11.83 11.73 -1.32
CA GLN B 104 11.86 12.91 -2.17
C GLN B 104 10.49 13.57 -2.22
N CYS B 105 9.45 12.76 -2.37
CA CYS B 105 8.10 13.32 -2.46
C CYS B 105 7.71 14.00 -1.17
N GLN B 106 8.02 13.37 -0.02
CA GLN B 106 7.64 13.95 1.26
C GLN B 106 8.31 15.30 1.46
N LEU B 107 9.56 15.43 1.02
CA LEU B 107 10.23 16.73 1.09
C LEU B 107 9.44 17.77 0.31
N ARG B 108 9.01 17.43 -0.91
CA ARG B 108 8.23 18.37 -1.71
C ARG B 108 6.85 18.64 -1.13
N LEU B 109 6.32 17.73 -0.32
CA LEU B 109 5.08 17.93 0.41
C LEU B 109 5.26 18.68 1.72
N LYS B 110 6.47 19.17 1.99
CA LYS B 110 6.75 19.94 3.21
C LYS B 110 6.56 19.08 4.45
N ALA B 111 6.99 17.82 4.35
CA ALA B 111 6.93 16.87 5.45
C ALA B 111 8.36 16.37 5.69
N PRO B 112 9.25 17.24 6.20
CA PRO B 112 10.67 16.87 6.26
C PRO B 112 10.99 15.77 7.25
N LEU B 113 10.24 15.65 8.35
CA LEU B 113 10.50 14.56 9.28
C LEU B 113 10.07 13.23 8.68
N LYS B 114 9.01 13.21 7.88
CA LYS B 114 8.68 11.98 7.17
C LYS B 114 9.78 11.65 6.15
N ALA B 115 10.29 12.68 5.46
CA ALA B 115 11.32 12.47 4.47
C ALA B 115 12.59 11.94 5.12
N LYS B 116 12.95 12.51 6.26
CA LYS B 116 14.15 12.09 6.96
C LYS B 116 14.05 10.62 7.36
N GLU B 117 12.87 10.21 7.85
CA GLU B 117 12.64 8.80 8.17
C GLU B 117 12.91 7.92 6.95
N CYS B 118 12.40 8.33 5.79
CA CYS B 118 12.61 7.53 4.58
C CYS B 118 14.09 7.40 4.26
N PHE B 119 14.82 8.53 4.24
CA PHE B 119 16.22 8.45 3.86
C PHE B 119 17.04 7.69 4.89
N GLU B 120 16.70 7.85 6.18
CA GLU B 120 17.38 7.10 7.22
C GLU B 120 17.17 5.60 7.03
N LEU B 121 15.95 5.19 6.65
N LEU B 121 15.95 5.19 6.65
CA LEU B 121 15.71 3.77 6.43
CA LEU B 121 15.70 3.77 6.42
C LEU B 121 16.58 3.25 5.29
C LEU B 121 16.56 3.23 5.28
N VAL B 122 16.75 4.03 4.23
CA VAL B 122 17.62 3.62 3.13
C VAL B 122 19.04 3.39 3.66
N ILE B 123 19.57 4.34 4.42
CA ILE B 123 20.94 4.24 4.92
C ILE B 123 21.11 3.00 5.77
N GLN B 124 20.15 2.73 6.66
CA GLN B 124 20.31 1.65 7.61
C GLN B 124 20.05 0.28 7.01
N HIS B 125 19.18 0.17 6.02
CA HIS B 125 18.74 -1.15 5.56
C HIS B 125 19.10 -1.51 4.13
N SER B 126 19.31 -0.54 3.24
CA SER B 126 19.62 -0.84 1.84
C SER B 126 21.06 -1.30 1.70
N ASN B 127 21.27 -2.24 0.77
CA ASN B 127 22.61 -2.66 0.36
C ASN B 127 23.02 -2.07 -0.98
N ASP B 128 22.22 -1.13 -1.49
CA ASP B 128 22.46 -0.42 -2.74
C ASP B 128 23.29 0.80 -2.38
N GLU B 129 24.61 0.71 -2.56
CA GLU B 129 25.50 1.72 -2.02
C GLU B 129 25.33 3.05 -2.73
N LYS B 130 25.03 3.07 -4.02
CA LYS B 130 24.81 4.34 -4.70
C LYS B 130 23.52 4.99 -4.23
N LEU B 131 22.49 4.18 -3.99
CA LEU B 131 21.24 4.73 -3.45
C LEU B 131 21.47 5.34 -2.08
N LYS B 132 22.34 4.73 -1.28
CA LYS B 132 22.62 5.29 0.03
C LYS B 132 23.28 6.66 -0.08
N ILE B 133 24.20 6.84 -1.04
CA ILE B 133 24.81 8.16 -1.23
C ILE B 133 23.73 9.19 -1.56
N LYS B 134 22.80 8.82 -2.44
CA LYS B 134 21.73 9.75 -2.78
C LYS B 134 20.89 10.10 -1.56
N ALA B 135 20.51 9.10 -0.77
CA ALA B 135 19.73 9.36 0.43
C ALA B 135 20.49 10.27 1.39
N GLN B 136 21.79 10.03 1.55
CA GLN B 136 22.57 10.85 2.47
C GLN B 136 22.65 12.30 1.99
N SER B 137 22.71 12.52 0.68
N SER B 137 22.72 12.52 0.68
CA SER B 137 22.76 13.89 0.18
CA SER B 137 22.77 13.90 0.18
C SER B 137 21.51 14.66 0.57
C SER B 137 21.51 14.67 0.58
N TYR B 138 20.35 14.00 0.59
CA TYR B 138 19.14 14.66 1.04
C TYR B 138 19.18 14.90 2.55
N LEU B 139 19.62 13.92 3.33
CA LEU B 139 19.69 14.12 4.78
C LEU B 139 20.59 15.29 5.12
N ASP B 140 21.71 15.42 4.40
CA ASP B 140 22.64 16.51 4.67
C ASP B 140 21.97 17.86 4.42
N ALA B 141 20.98 17.90 3.52
CA ALA B 141 20.26 19.14 3.23
C ALA B 141 19.17 19.44 4.27
N ILE B 142 18.58 18.42 4.88
CA ILE B 142 17.48 18.65 5.83
C ILE B 142 18.04 19.26 7.11
CL CL C . 6.56 -18.48 0.86
MG MG D . 24.17 -1.73 5.60
MG MG E . -11.14 -10.11 -4.74
CL CL F . -6.58 6.97 -6.00
#